data_6DA3
#
_entry.id   6DA3
#
_cell.length_a   76.889
_cell.length_b   102.040
_cell.length_c   127.040
_cell.angle_alpha   90.00
_cell.angle_beta   90.00
_cell.angle_gamma   90.00
#
_symmetry.space_group_name_H-M   'I 2 2 2'
#
loop_
_entity.id
_entity.type
_entity.pdbx_description
1 polymer 'Cytochrome P450 3A4'
2 non-polymer 'PROTOPORPHYRIN IX CONTAINING FE'
3 non-polymer 'tert-butyl [(2R)-1-{[(2R)-1-oxo-3-phenyl-1-{[(pyridin-3-yl)methyl]amino}propan-2-yl]sulfanyl}-3-phenylpropan-2-yl]carbamate'
4 water water
#
_entity_poly.entity_id   1
_entity_poly.type   'polypeptide(L)'
_entity_poly.pdbx_seq_one_letter_code
;MAYLYGTHSHGLFKKLGIPGPTPLPFLGNILSYHKGFCMFDMECHKKYGKVWGFYDGQQPVLAITDPDMIKTVLVKECYS
VFTNRRPFGPVGFMKSAISIAEDEEWKRLRSLLSPTFTSGKLKEMVPIIAQYGDVLVRNLRREAETGKPVTLKDVFGAYS
MDVITSTSFGVNIDSLNNPQDPFVENTKKLLRFDFLDPFFLSITVFPFLIPILEVLNICVFPREVTNFLRKSVKRMKESR
LEDTQKHRVDFLQLMIDSQNSKETESHKALSDLELVAQSIIFIFAGYETTSSVLSFIMYELATHPDVQQKLQEEIDAVLP
NKAPPTYDTVLQMEYLDMVVNETLRLFPIAMRLERVCKKDVEINGMFIPKGVVVMIPSYALHRDPKYWTEPEKFLPERFS
KKNKDNIDPYIYTPFGSGPRNCIGMRFALMNMKLALIRVLQNFSFKPCKETQIPLKLSLGGLLQPEKPVVLKVESRDGTV
SGAHHHH
;
_entity_poly.pdbx_strand_id   A
#
loop_
_chem_comp.id
_chem_comp.type
_chem_comp.name
_chem_comp.formula
G0D non-polymer 'tert-butyl [(2R)-1-{[(2R)-1-oxo-3-phenyl-1-{[(pyridin-3-yl)methyl]amino}propan-2-yl]sulfanyl}-3-phenylpropan-2-yl]carbamate' 'C29 H35 N3 O3 S'
HEM non-polymer 'PROTOPORPHYRIN IX CONTAINING FE' 'C34 H32 Fe N4 O4'
#
# COMPACT_ATOMS: atom_id res chain seq x y z
N THR A 7 4.37 31.71 8.52
CA THR A 7 3.11 31.99 9.21
C THR A 7 2.77 33.47 9.14
N HIS A 8 1.49 33.79 8.93
CA HIS A 8 0.45 32.78 8.76
C HIS A 8 0.14 32.52 7.30
N SER A 9 0.48 31.30 6.88
CA SER A 9 0.23 30.79 5.53
C SER A 9 -1.25 30.66 5.26
N HIS A 10 -2.07 30.97 6.27
CA HIS A 10 -3.47 30.62 6.24
C HIS A 10 -4.30 31.50 5.32
N GLY A 11 -3.70 32.50 4.67
CA GLY A 11 -4.43 33.23 3.68
C GLY A 11 -4.28 32.76 2.24
N LEU A 12 -3.52 31.68 2.02
CA LEU A 12 -3.09 31.33 0.67
C LEU A 12 -4.27 30.96 -0.22
N PHE A 13 -5.16 30.09 0.24
CA PHE A 13 -6.21 29.65 -0.66
C PHE A 13 -7.30 30.69 -0.78
N LYS A 14 -7.53 31.43 0.30
CA LYS A 14 -8.35 32.64 0.23
C LYS A 14 -7.85 33.55 -0.90
N LYS A 15 -6.52 33.73 -0.99
CA LYS A 15 -5.94 34.59 -2.01
C LYS A 15 -6.14 34.02 -3.42
N LEU A 16 -5.67 32.80 -3.66
CA LEU A 16 -5.76 32.15 -4.96
C LEU A 16 -7.20 31.90 -5.41
N GLY A 17 -8.18 32.27 -4.59
CA GLY A 17 -9.57 32.04 -4.95
C GLY A 17 -10.01 30.60 -4.91
N ILE A 18 -9.25 29.75 -4.20
CA ILE A 18 -9.56 28.33 -4.06
C ILE A 18 -10.34 28.14 -2.76
N PRO A 19 -11.48 27.46 -2.78
CA PRO A 19 -12.29 27.32 -1.56
C PRO A 19 -11.72 26.22 -0.66
N GLY A 20 -12.23 26.22 0.58
CA GLY A 20 -11.87 25.22 1.55
C GLY A 20 -12.29 25.57 2.97
N PRO A 21 -12.22 24.59 3.87
CA PRO A 21 -12.57 24.83 5.28
C PRO A 21 -11.64 25.84 5.93
N THR A 22 -12.22 26.66 6.79
CA THR A 22 -11.46 27.73 7.43
C THR A 22 -10.51 27.15 8.48
N PRO A 23 -9.22 27.45 8.39
CA PRO A 23 -8.25 26.87 9.32
C PRO A 23 -8.28 27.56 10.68
N LEU A 24 -8.12 26.76 11.75
CA LEU A 24 -7.82 27.36 13.04
C LEU A 24 -6.35 27.79 13.09
N PRO A 25 -6.03 28.80 13.88
CA PRO A 25 -4.61 29.15 14.10
C PRO A 25 -3.78 27.97 14.58
N PHE A 26 -2.58 27.82 14.00
CA PHE A 26 -1.63 26.75 14.32
C PHE A 26 -2.12 25.39 13.84
N LEU A 27 -3.28 24.94 14.31
CA LEU A 27 -3.79 23.63 13.90
C LEU A 27 -4.17 23.50 12.44
N GLY A 28 -4.47 24.60 11.76
CA GLY A 28 -4.99 24.49 10.42
C GLY A 28 -6.31 23.78 10.50
N ASN A 29 -6.45 22.72 9.71
CA ASN A 29 -7.72 22.03 9.64
C ASN A 29 -7.67 20.66 10.31
N ILE A 30 -6.65 20.40 11.13
CA ILE A 30 -6.44 19.00 11.52
C ILE A 30 -7.51 18.52 12.48
N LEU A 31 -8.21 19.43 13.17
CA LEU A 31 -9.28 18.93 14.03
C LEU A 31 -10.29 18.14 13.22
N SER A 32 -10.43 18.48 11.93
CA SER A 32 -11.31 17.79 10.99
C SER A 32 -10.87 16.36 10.66
N TYR A 33 -9.74 15.88 11.18
CA TYR A 33 -9.28 14.51 10.96
C TYR A 33 -9.86 13.52 11.95
N HIS A 34 -10.71 13.98 12.89
CA HIS A 34 -11.20 13.13 13.97
C HIS A 34 -12.04 11.97 13.44
N LYS A 35 -12.78 12.18 12.35
CA LYS A 35 -13.48 11.10 11.67
C LYS A 35 -12.62 10.43 10.59
N GLY A 36 -11.33 10.74 10.55
CA GLY A 36 -10.42 10.06 9.64
C GLY A 36 -10.21 10.82 8.35
N PHE A 37 -9.02 10.65 7.79
CA PHE A 37 -8.69 11.24 6.49
C PHE A 37 -9.79 10.99 5.47
N CYS A 38 -10.34 9.78 5.47
CA CYS A 38 -11.25 9.41 4.38
C CYS A 38 -12.53 10.24 4.41
N MET A 39 -13.18 10.30 5.56
CA MET A 39 -14.46 10.98 5.61
C MET A 39 -14.30 12.47 5.34
N PHE A 40 -13.22 13.09 5.83
CA PHE A 40 -12.91 14.49 5.57
C PHE A 40 -12.78 14.78 4.08
N ASP A 41 -12.05 13.93 3.38
CA ASP A 41 -11.92 14.06 1.94
C ASP A 41 -13.28 13.98 1.25
N MET A 42 -14.12 12.99 1.62
CA MET A 42 -15.42 12.84 0.96
CA MET A 42 -15.42 12.84 0.96
C MET A 42 -16.29 14.07 1.21
N GLU A 43 -16.23 14.61 2.43
CA GLU A 43 -17.02 15.81 2.72
C GLU A 43 -16.55 16.98 1.88
N CYS A 44 -15.24 17.20 1.82
CA CYS A 44 -14.74 18.31 1.01
C CYS A 44 -15.10 18.13 -0.45
N HIS A 45 -15.11 16.89 -0.93
CA HIS A 45 -15.39 16.65 -2.34
C HIS A 45 -16.82 17.04 -2.70
N LYS A 46 -17.78 16.75 -1.80
CA LYS A 46 -19.18 17.14 -1.98
C LYS A 46 -19.43 18.59 -1.61
N LYS A 47 -18.76 19.10 -0.56
CA LYS A 47 -18.95 20.50 -0.17
C LYS A 47 -18.39 21.47 -1.21
N TYR A 48 -17.21 21.17 -1.79
CA TYR A 48 -16.45 22.18 -2.52
C TYR A 48 -16.24 21.90 -4.02
N GLY A 49 -16.42 20.67 -4.50
CA GLY A 49 -16.32 20.36 -5.92
C GLY A 49 -14.94 19.82 -6.33
N LYS A 50 -14.40 20.35 -7.43
CA LYS A 50 -13.29 19.71 -8.14
C LYS A 50 -11.92 20.02 -7.54
N VAL A 51 -11.78 21.13 -6.82
CA VAL A 51 -10.53 21.55 -6.20
CA VAL A 51 -10.53 21.48 -6.15
C VAL A 51 -10.88 22.18 -4.85
N TRP A 52 -9.99 22.05 -3.88
CA TRP A 52 -10.13 22.80 -2.64
C TRP A 52 -8.79 22.77 -1.92
N GLY A 53 -8.74 23.47 -0.78
CA GLY A 53 -7.50 23.73 -0.09
C GLY A 53 -7.71 23.69 1.41
N PHE A 54 -6.79 23.06 2.12
CA PHE A 54 -6.87 23.02 3.57
C PHE A 54 -5.44 23.07 4.11
N TYR A 55 -5.31 23.08 5.44
CA TYR A 55 -3.99 23.24 6.05
C TYR A 55 -3.77 22.14 7.10
N ASP A 56 -2.70 21.36 6.94
CA ASP A 56 -2.22 20.48 8.01
C ASP A 56 -1.30 21.36 8.82
N GLY A 57 -1.79 21.91 9.94
CA GLY A 57 -1.01 22.94 10.61
C GLY A 57 -0.84 24.15 9.71
N GLN A 58 0.40 24.53 9.38
CA GLN A 58 0.65 25.69 8.52
C GLN A 58 0.87 25.28 7.08
N GLN A 59 0.80 23.99 6.80
CA GLN A 59 1.17 23.43 5.51
C GLN A 59 -0.01 23.45 4.56
N PRO A 60 0.02 24.23 3.49
CA PRO A 60 -1.13 24.22 2.55
C PRO A 60 -1.22 22.93 1.78
N VAL A 61 -2.44 22.39 1.71
CA VAL A 61 -2.68 21.20 0.90
C VAL A 61 -3.77 21.53 -0.09
N LEU A 62 -3.48 21.36 -1.38
CA LEU A 62 -4.45 21.56 -2.45
C LEU A 62 -4.91 20.19 -2.94
N ALA A 63 -6.18 19.85 -2.67
CA ALA A 63 -6.78 18.67 -3.30
C ALA A 63 -7.15 18.95 -4.75
N ILE A 64 -6.89 17.97 -5.61
CA ILE A 64 -7.33 18.02 -7.01
C ILE A 64 -8.01 16.70 -7.36
N THR A 65 -9.03 16.80 -8.24
CA THR A 65 -9.84 15.66 -8.63
C THR A 65 -10.15 15.64 -10.12
N ASP A 66 -9.52 16.49 -10.92
CA ASP A 66 -9.72 16.41 -12.35
C ASP A 66 -8.76 15.39 -12.96
N PRO A 67 -9.27 14.40 -13.72
CA PRO A 67 -8.40 13.36 -14.31
C PRO A 67 -7.22 13.92 -15.11
N ASP A 68 -7.47 14.89 -16.00
CA ASP A 68 -6.38 15.51 -16.75
C ASP A 68 -5.38 16.15 -15.81
N MET A 69 -5.87 16.96 -14.87
CA MET A 69 -5.01 17.63 -13.91
C MET A 69 -4.23 16.62 -13.07
N ILE A 70 -4.88 15.53 -12.65
CA ILE A 70 -4.19 14.46 -11.94
C ILE A 70 -3.12 13.82 -12.81
N LYS A 71 -3.39 13.66 -14.11
CA LYS A 71 -2.38 13.12 -15.03
C LYS A 71 -1.20 14.09 -15.18
N THR A 72 -1.49 15.40 -15.26
CA THR A 72 -0.43 16.38 -15.33
C THR A 72 0.50 16.24 -14.13
N VAL A 73 -0.07 16.14 -12.93
CA VAL A 73 0.74 16.11 -11.71
C VAL A 73 1.54 14.83 -11.63
N LEU A 74 0.87 13.68 -11.83
CA LEU A 74 1.51 12.39 -11.57
C LEU A 74 2.41 11.93 -12.71
N VAL A 75 2.12 12.31 -13.96
CA VAL A 75 2.93 11.82 -15.08
C VAL A 75 3.61 12.97 -15.82
N LYS A 76 2.82 13.91 -16.35
CA LYS A 76 3.36 14.89 -17.30
C LYS A 76 4.45 15.75 -16.67
N GLU A 77 4.21 16.28 -15.46
CA GLU A 77 5.14 17.19 -14.82
C GLU A 77 5.79 16.57 -13.59
N CYS A 78 6.14 15.29 -13.66
CA CYS A 78 6.63 14.57 -12.49
C CYS A 78 8.10 14.88 -12.21
N TYR A 79 8.98 14.64 -13.19
CA TYR A 79 10.40 14.94 -13.01
C TYR A 79 10.64 16.43 -12.82
N SER A 80 9.82 17.26 -13.46
CA SER A 80 10.04 18.71 -13.42
C SER A 80 9.50 19.38 -12.15
N VAL A 81 8.30 19.01 -11.69
CA VAL A 81 7.66 19.76 -10.61
C VAL A 81 7.26 18.86 -9.45
N PHE A 82 6.44 17.84 -9.72
CA PHE A 82 5.84 17.04 -8.65
C PHE A 82 6.57 15.71 -8.49
N THR A 83 7.81 15.82 -8.01
CA THR A 83 8.77 14.73 -7.94
C THR A 83 8.80 14.01 -6.61
N ASN A 84 8.66 14.72 -5.49
CA ASN A 84 8.86 14.11 -4.19
C ASN A 84 7.55 14.08 -3.39
N ARG A 85 7.55 13.27 -2.36
CA ARG A 85 6.40 13.21 -1.50
C ARG A 85 6.57 14.20 -0.36
N ARG A 86 5.53 14.35 0.44
CA ARG A 86 5.62 15.22 1.60
C ARG A 86 6.63 14.63 2.59
N PRO A 87 7.62 15.41 3.03
CA PRO A 87 8.56 14.90 4.03
C PRO A 87 7.86 14.55 5.33
N PHE A 88 8.34 13.49 5.98
CA PHE A 88 7.99 13.16 7.35
C PHE A 88 9.29 12.72 8.02
N GLY A 89 9.33 12.82 9.35
CA GLY A 89 10.54 12.49 10.06
C GLY A 89 10.28 12.29 11.53
N PRO A 90 11.34 12.03 12.32
CA PRO A 90 12.73 11.89 11.87
C PRO A 90 12.97 10.51 11.26
N VAL A 91 13.84 10.41 10.25
CA VAL A 91 13.99 9.12 9.60
C VAL A 91 15.37 8.56 9.86
N GLY A 92 16.35 9.42 10.08
CA GLY A 92 17.71 8.93 10.22
C GLY A 92 18.25 8.43 8.89
N PHE A 93 18.92 7.27 8.92
CA PHE A 93 19.48 6.69 7.71
C PHE A 93 18.41 6.23 6.71
N MET A 94 17.15 6.07 7.13
CA MET A 94 16.12 5.75 6.14
C MET A 94 15.85 6.90 5.17
N LYS A 95 16.53 8.04 5.31
CA LYS A 95 16.50 9.05 4.26
C LYS A 95 16.88 8.44 2.91
N SER A 96 17.70 7.39 2.92
CA SER A 96 18.18 6.76 1.70
CA SER A 96 18.17 6.77 1.69
C SER A 96 17.21 5.72 1.14
N ALA A 97 16.13 5.42 1.82
CA ALA A 97 15.16 4.48 1.27
C ALA A 97 14.48 5.12 0.06
N ILE A 98 14.05 4.29 -0.89
CA ILE A 98 13.59 4.82 -2.18
C ILE A 98 12.31 5.62 -2.00
N SER A 99 11.37 5.10 -1.19
CA SER A 99 10.08 5.75 -1.02
C SER A 99 10.23 7.08 -0.32
N ILE A 100 11.38 7.30 0.31
CA ILE A 100 11.64 8.46 1.13
C ILE A 100 12.53 9.44 0.39
N ALA A 101 13.41 8.94 -0.48
CA ALA A 101 14.45 9.78 -1.06
C ALA A 101 13.84 10.75 -2.09
N GLU A 102 14.64 11.74 -2.45
CA GLU A 102 14.18 12.88 -3.21
C GLU A 102 15.02 13.11 -4.45
N ASP A 103 14.35 13.70 -5.44
CA ASP A 103 14.94 14.31 -6.62
C ASP A 103 15.94 13.33 -7.23
N GLU A 104 17.17 13.74 -7.51
CA GLU A 104 18.05 12.90 -8.32
C GLU A 104 18.46 11.66 -7.57
N GLU A 105 18.55 11.73 -6.25
CA GLU A 105 18.89 10.52 -5.49
C GLU A 105 17.74 9.52 -5.52
N TRP A 106 16.49 9.99 -5.54
CA TRP A 106 15.39 9.07 -5.76
C TRP A 106 15.49 8.49 -7.17
N LYS A 107 15.63 9.35 -8.17
CA LYS A 107 15.68 8.92 -9.56
C LYS A 107 16.74 7.84 -9.77
N ARG A 108 17.86 7.96 -9.05
CA ARG A 108 18.90 6.94 -9.04
C ARG A 108 18.41 5.63 -8.40
N LEU A 109 17.93 5.70 -7.16
CA LEU A 109 17.43 4.51 -6.49
C LEU A 109 16.32 3.84 -7.28
N ARG A 110 15.45 4.63 -7.92
CA ARG A 110 14.42 4.08 -8.81
C ARG A 110 15.05 3.29 -9.94
N SER A 111 16.17 3.79 -10.50
CA SER A 111 16.88 3.13 -11.59
C SER A 111 17.53 1.82 -11.14
N LEU A 112 18.21 1.83 -9.99
CA LEU A 112 18.98 0.66 -9.59
C LEU A 112 18.09 -0.46 -9.06
N LEU A 113 16.84 -0.13 -8.69
CA LEU A 113 15.91 -1.12 -8.15
C LEU A 113 14.80 -1.51 -9.10
N SER A 114 14.57 -0.72 -10.16
CA SER A 114 13.56 -1.07 -11.15
C SER A 114 13.71 -2.48 -11.73
N PRO A 115 14.89 -2.92 -12.18
CA PRO A 115 14.96 -4.26 -12.81
C PRO A 115 14.65 -5.40 -11.87
N THR A 116 14.78 -5.17 -10.55
CA THR A 116 14.39 -6.17 -9.58
C THR A 116 12.91 -6.53 -9.73
N PHE A 117 12.09 -5.55 -10.05
CA PHE A 117 10.63 -5.70 -10.13
C PHE A 117 10.14 -6.02 -11.53
N THR A 118 10.94 -6.72 -12.34
CA THR A 118 10.49 -7.03 -13.69
C THR A 118 9.57 -8.24 -13.65
N SER A 119 8.82 -8.40 -14.74
CA SER A 119 8.00 -9.59 -14.92
C SER A 119 8.85 -10.86 -14.90
N GLY A 120 10.02 -10.82 -15.55
CA GLY A 120 10.84 -12.02 -15.64
C GLY A 120 11.46 -12.42 -14.32
N LYS A 121 11.94 -11.44 -13.53
CA LYS A 121 12.41 -11.71 -12.18
C LYS A 121 11.27 -12.21 -11.29
N LEU A 122 10.06 -11.72 -11.53
CA LEU A 122 8.91 -12.10 -10.74
C LEU A 122 8.42 -13.50 -11.08
N LYS A 123 8.58 -13.94 -12.33
CA LYS A 123 8.29 -15.31 -12.68
C LYS A 123 9.26 -16.30 -12.05
N GLU A 124 10.46 -15.85 -11.66
CA GLU A 124 11.42 -16.75 -11.03
C GLU A 124 11.23 -16.83 -9.53
N MET A 125 10.47 -15.89 -8.95
CA MET A 125 10.08 -15.94 -7.55
C MET A 125 8.84 -16.80 -7.32
N VAL A 126 8.11 -17.19 -8.37
CA VAL A 126 6.87 -17.92 -8.17
C VAL A 126 7.05 -19.24 -7.43
N PRO A 127 7.96 -20.15 -7.84
CA PRO A 127 8.12 -21.39 -7.06
C PRO A 127 8.41 -21.16 -5.59
N ILE A 128 9.19 -20.14 -5.23
CA ILE A 128 9.44 -19.86 -3.83
C ILE A 128 8.17 -19.35 -3.14
N ILE A 129 7.49 -18.39 -3.77
CA ILE A 129 6.23 -17.88 -3.22
C ILE A 129 5.17 -18.98 -3.21
N ALA A 130 5.39 -20.04 -3.99
CA ALA A 130 4.42 -21.14 -4.03
C ALA A 130 4.52 -22.00 -2.78
N GLN A 131 5.75 -22.27 -2.32
CA GLN A 131 5.96 -23.24 -1.23
C GLN A 131 5.32 -22.77 0.08
N TYR A 132 5.24 -21.46 0.32
CA TYR A 132 4.61 -21.00 1.54
C TYR A 132 3.09 -20.93 1.42
N GLY A 133 2.58 -20.94 0.20
CA GLY A 133 1.15 -21.16 0.01
C GLY A 133 0.68 -22.48 0.58
N ASP A 134 1.57 -23.47 0.66
CA ASP A 134 1.24 -24.74 1.31
C ASP A 134 1.30 -24.63 2.83
N VAL A 135 2.33 -23.96 3.37
CA VAL A 135 2.38 -23.66 4.81
C VAL A 135 1.08 -23.00 5.27
N LEU A 136 0.55 -22.08 4.46
CA LEU A 136 -0.66 -21.35 4.81
C LEU A 136 -1.88 -22.27 4.91
N VAL A 137 -1.95 -23.28 4.06
CA VAL A 137 -3.10 -24.18 4.08
C VAL A 137 -3.09 -25.04 5.35
N ARG A 138 -1.92 -25.56 5.73
CA ARG A 138 -1.86 -26.44 6.91
C ARG A 138 -2.15 -25.68 8.19
N ASN A 139 -1.65 -24.45 8.32
CA ASN A 139 -1.95 -23.66 9.51
C ASN A 139 -3.42 -23.28 9.56
N LEU A 140 -4.06 -23.22 8.39
CA LEU A 140 -5.50 -22.99 8.31
C LEU A 140 -6.30 -24.21 8.71
N ARG A 141 -5.93 -25.39 8.20
CA ARG A 141 -6.65 -26.60 8.54
C ARG A 141 -6.60 -26.91 10.03
N ARG A 142 -5.48 -26.62 10.68
CA ARG A 142 -5.40 -26.85 12.13
C ARG A 142 -6.44 -26.02 12.87
N GLU A 143 -6.87 -24.90 12.29
CA GLU A 143 -7.95 -24.11 12.87
C GLU A 143 -9.32 -24.45 12.28
N ALA A 144 -9.35 -25.07 11.10
CA ALA A 144 -10.64 -25.42 10.49
C ALA A 144 -11.18 -26.71 11.11
N GLU A 145 -10.32 -27.71 11.30
CA GLU A 145 -10.70 -28.94 11.96
C GLU A 145 -11.17 -28.70 13.40
N THR A 146 -10.73 -27.60 14.01
CA THR A 146 -11.21 -27.19 15.34
C THR A 146 -12.19 -26.03 15.15
N GLY A 147 -13.46 -26.38 14.93
CA GLY A 147 -14.52 -25.43 14.62
C GLY A 147 -14.56 -24.18 15.48
N LYS A 148 -13.49 -23.39 15.40
CA LYS A 148 -13.32 -22.17 16.16
C LYS A 148 -12.98 -21.02 15.21
N PRO A 149 -13.64 -19.88 15.33
CA PRO A 149 -13.44 -18.77 14.38
C PRO A 149 -11.98 -18.34 14.29
N VAL A 150 -11.62 -17.75 13.14
CA VAL A 150 -10.22 -17.53 12.75
C VAL A 150 -9.96 -16.05 12.50
N THR A 151 -8.85 -15.55 13.05
CA THR A 151 -8.44 -14.17 12.88
C THR A 151 -7.55 -14.06 11.63
N LEU A 152 -8.14 -13.58 10.53
CA LEU A 152 -7.48 -13.62 9.24
C LEU A 152 -6.16 -12.87 9.21
N LYS A 153 -6.03 -11.75 9.95
CA LYS A 153 -4.81 -10.97 9.83
C LYS A 153 -3.61 -11.75 10.38
N ASP A 154 -3.82 -12.52 11.46
CA ASP A 154 -2.78 -13.40 12.00
C ASP A 154 -2.30 -14.41 10.96
N VAL A 155 -3.24 -15.14 10.34
CA VAL A 155 -2.83 -16.21 9.44
C VAL A 155 -2.32 -15.65 8.11
N PHE A 156 -2.96 -14.59 7.60
CA PHE A 156 -2.41 -13.90 6.41
C PHE A 156 -1.11 -13.18 6.74
N GLY A 157 -1.02 -12.57 7.92
CA GLY A 157 0.24 -11.97 8.33
C GLY A 157 1.37 -12.99 8.37
N ALA A 158 1.12 -14.16 8.97
CA ALA A 158 2.14 -15.19 9.07
C ALA A 158 2.63 -15.63 7.68
N TYR A 159 1.70 -15.79 6.71
CA TYR A 159 2.10 -16.08 5.33
C TYR A 159 2.80 -14.88 4.68
N SER A 160 2.20 -13.68 4.78
CA SER A 160 2.84 -12.48 4.22
C SER A 160 4.22 -12.25 4.82
N MET A 161 4.38 -12.51 6.12
CA MET A 161 5.70 -12.54 6.74
C MET A 161 6.60 -13.60 6.12
N ASP A 162 6.07 -14.79 5.85
CA ASP A 162 6.89 -15.86 5.30
C ASP A 162 7.41 -15.50 3.90
N VAL A 163 6.55 -14.93 3.05
CA VAL A 163 6.97 -14.62 1.69
C VAL A 163 8.02 -13.51 1.69
N ILE A 164 7.88 -12.55 2.60
CA ILE A 164 8.83 -11.44 2.65
C ILE A 164 10.22 -11.96 2.98
N THR A 165 10.37 -12.63 4.14
CA THR A 165 11.68 -13.17 4.53
C THR A 165 12.26 -14.02 3.41
N SER A 166 11.42 -14.76 2.68
CA SER A 166 11.93 -15.62 1.60
C SER A 166 12.27 -14.80 0.36
N THR A 167 11.32 -14.03 -0.17
CA THR A 167 11.58 -13.31 -1.41
C THR A 167 12.61 -12.19 -1.25
N SER A 168 12.97 -11.80 -0.02
CA SER A 168 13.90 -10.69 0.13
C SER A 168 15.26 -11.06 0.73
N PHE A 169 15.39 -12.18 1.46
CA PHE A 169 16.71 -12.55 2.00
C PHE A 169 17.06 -14.04 1.94
N GLY A 170 16.11 -14.94 1.67
CA GLY A 170 16.37 -16.36 1.70
C GLY A 170 15.90 -17.07 2.96
N VAL A 171 15.64 -16.33 4.04
CA VAL A 171 15.28 -16.93 5.32
C VAL A 171 13.91 -17.61 5.23
N ASN A 172 13.78 -18.76 5.89
CA ASN A 172 12.63 -19.65 5.67
C ASN A 172 12.09 -20.12 7.01
N ILE A 173 10.96 -19.56 7.41
CA ILE A 173 10.37 -19.84 8.70
C ILE A 173 8.88 -20.05 8.48
N ASP A 174 8.26 -20.77 9.41
CA ASP A 174 6.80 -20.78 9.55
C ASP A 174 6.51 -19.93 10.78
N SER A 175 6.49 -18.62 10.57
CA SER A 175 6.56 -17.71 11.71
C SER A 175 5.38 -17.87 12.66
N LEU A 176 4.25 -18.39 12.18
CA LEU A 176 3.10 -18.65 13.05
C LEU A 176 3.40 -19.58 14.22
N ASN A 177 3.71 -20.83 13.93
CA ASN A 177 4.19 -21.73 14.98
C ASN A 177 5.70 -21.57 15.00
N PRO A 179 9.56 -21.36 15.34
CA PRO A 179 9.48 -20.74 16.66
C PRO A 179 9.86 -19.28 16.77
N GLN A 180 10.54 -19.04 17.89
CA GLN A 180 11.21 -17.78 18.14
C GLN A 180 12.48 -17.75 17.30
N ASP A 181 12.35 -18.07 16.01
CA ASP A 181 13.49 -18.07 15.11
C ASP A 181 14.07 -16.65 15.03
N PRO A 182 15.41 -16.48 15.12
CA PRO A 182 16.00 -15.16 15.35
C PRO A 182 15.49 -14.02 14.46
N PHE A 183 14.72 -14.33 13.43
CA PHE A 183 14.29 -13.32 12.48
C PHE A 183 12.85 -12.87 12.68
N VAL A 184 11.97 -13.73 13.19
CA VAL A 184 10.57 -13.37 13.32
C VAL A 184 10.40 -12.14 14.21
N GLU A 185 11.29 -11.97 15.19
CA GLU A 185 11.05 -11.03 16.30
C GLU A 185 11.45 -9.59 15.97
N ASN A 186 12.63 -9.37 15.38
CA ASN A 186 12.99 -8.00 15.04
C ASN A 186 12.04 -7.39 14.02
N THR A 187 11.44 -8.23 13.17
CA THR A 187 10.42 -7.80 12.23
C THR A 187 9.05 -7.62 12.88
N LYS A 188 8.88 -8.03 14.15
CA LYS A 188 7.62 -7.78 14.82
C LYS A 188 7.43 -6.29 15.08
N LYS A 189 8.48 -5.58 15.49
CA LYS A 189 8.45 -4.13 15.58
C LYS A 189 8.41 -3.58 14.16
N LEU A 190 7.36 -3.95 13.43
CA LEU A 190 7.30 -3.91 11.99
C LEU A 190 7.54 -2.50 11.47
N PRO A 198 -0.10 8.97 17.65
CA PRO A 198 -0.01 10.03 18.67
C PRO A 198 1.20 10.91 18.46
N PHE A 199 2.34 10.26 18.22
CA PHE A 199 3.55 10.97 17.83
C PHE A 199 3.37 11.65 16.47
N PHE A 200 2.96 10.89 15.45
CA PHE A 200 2.96 11.36 14.07
C PHE A 200 1.92 12.45 13.82
N LEU A 201 0.96 12.63 14.72
CA LEU A 201 0.06 13.77 14.64
C LEU A 201 0.67 15.01 15.27
N SER A 202 1.53 14.85 16.28
CA SER A 202 2.28 15.98 16.84
C SER A 202 3.30 16.54 15.87
N ILE A 203 3.71 15.76 14.87
CA ILE A 203 4.58 16.30 13.82
C ILE A 203 3.87 17.40 13.07
N THR A 204 2.60 17.18 12.73
CA THR A 204 1.86 18.09 11.87
C THR A 204 1.71 19.49 12.48
N VAL A 205 1.41 19.58 13.77
CA VAL A 205 1.36 20.91 14.37
C VAL A 205 2.75 21.47 14.62
N PHE A 206 3.74 20.60 14.84
CA PHE A 206 5.08 21.04 15.19
C PHE A 206 6.15 20.46 14.25
N PRO A 207 6.02 20.60 12.93
CA PRO A 207 6.97 19.93 12.03
C PRO A 207 8.35 20.56 12.03
N PHE A 208 8.46 21.77 12.55
CA PHE A 208 9.68 22.47 12.84
C PHE A 208 10.53 21.77 13.89
N LEU A 209 10.02 20.68 14.45
CA LEU A 209 10.69 19.87 15.44
C LEU A 209 11.31 18.62 14.84
N ILE A 210 10.97 18.27 13.59
CA ILE A 210 11.67 17.20 12.90
C ILE A 210 13.18 17.40 12.95
N PRO A 211 13.74 18.54 12.53
CA PRO A 211 15.20 18.65 12.59
C PRO A 211 15.74 18.55 13.99
N ILE A 212 14.93 18.91 14.98
CA ILE A 212 15.29 18.69 16.37
C ILE A 212 15.52 17.21 16.61
N LEU A 213 14.59 16.39 16.17
CA LEU A 213 14.69 14.97 16.39
C LEU A 213 15.81 14.36 15.55
N GLU A 214 16.10 14.94 14.38
CA GLU A 214 17.14 14.40 13.52
C GLU A 214 18.55 14.67 14.06
N VAL A 215 18.70 15.70 14.90
CA VAL A 215 19.95 15.87 15.62
C VAL A 215 19.93 15.11 16.94
N LEU A 216 18.83 14.42 17.28
CA LEU A 216 18.76 13.55 18.46
C LEU A 216 18.72 12.06 18.11
N ASN A 217 18.71 11.70 16.84
CA ASN A 217 18.81 10.32 16.35
C ASN A 217 17.69 9.42 16.86
N ILE A 218 16.65 10.01 17.46
CA ILE A 218 15.38 9.31 17.57
C ILE A 218 14.93 8.94 16.16
N CYS A 219 14.77 7.66 15.91
CA CYS A 219 14.27 7.20 14.62
C CYS A 219 12.85 6.73 14.79
N VAL A 220 11.96 7.12 13.87
CA VAL A 220 10.62 6.53 13.81
C VAL A 220 10.73 5.03 13.59
N PHE A 221 11.82 4.59 12.99
CA PHE A 221 12.19 3.18 12.92
C PHE A 221 12.94 2.82 14.18
N PRO A 222 12.31 2.09 15.11
CA PRO A 222 12.99 1.67 16.35
C PRO A 222 14.47 1.41 16.17
N ARG A 223 15.32 2.31 16.71
CA ARG A 223 16.76 2.35 16.45
C ARG A 223 17.45 1.00 16.67
N GLU A 224 16.74 0.04 17.26
CA GLU A 224 17.29 -1.30 17.52
C GLU A 224 17.03 -2.28 16.38
N VAL A 225 15.81 -2.30 15.85
CA VAL A 225 15.50 -3.11 14.67
C VAL A 225 16.51 -2.82 13.58
N THR A 226 16.65 -1.54 13.23
CA THR A 226 17.60 -1.12 12.20
C THR A 226 19.02 -1.56 12.55
N ASN A 227 19.38 -1.50 13.83
CA ASN A 227 20.69 -2.00 14.23
C ASN A 227 20.77 -3.51 14.08
N PHE A 228 19.64 -4.21 14.17
CA PHE A 228 19.65 -5.66 13.98
C PHE A 228 19.87 -6.04 12.53
N LEU A 229 19.25 -5.31 11.60
CA LEU A 229 19.29 -5.70 10.20
C LEU A 229 20.50 -5.12 9.46
N ARG A 230 20.99 -3.94 9.87
CA ARG A 230 22.24 -3.43 9.33
C ARG A 230 23.37 -4.44 9.48
N LYS A 231 23.38 -5.15 10.61
CA LYS A 231 24.37 -6.20 10.83
C LYS A 231 23.92 -7.53 10.24
N SER A 232 22.61 -7.83 10.29
CA SER A 232 22.11 -9.08 9.74
C SER A 232 22.36 -9.16 8.23
N VAL A 233 22.23 -8.03 7.53
CA VAL A 233 22.48 -8.01 6.10
C VAL A 233 23.96 -8.25 5.81
N LYS A 234 24.85 -7.54 6.53
CA LYS A 234 26.28 -7.75 6.31
C LYS A 234 26.77 -9.10 6.84
N ARG A 235 25.93 -9.82 7.62
CA ARG A 235 26.15 -11.25 7.81
C ARG A 235 25.83 -12.02 6.54
N MET A 236 24.64 -11.78 5.96
CA MET A 236 24.26 -12.43 4.71
C MET A 236 25.16 -12.00 3.56
N LYS A 237 25.58 -10.74 3.51
CA LYS A 237 26.37 -10.21 2.41
C LYS A 237 27.72 -10.90 2.30
N GLU A 238 28.33 -11.22 3.48
CA GLU A 238 29.66 -11.82 3.48
C GLU A 238 29.63 -13.33 3.69
N SER A 239 28.45 -13.95 3.67
CA SER A 239 28.36 -15.40 3.66
C SER A 239 28.24 -15.95 2.22
N ARG A 240 27.30 -15.41 1.44
CA ARG A 240 27.23 -15.74 0.03
C ARG A 240 28.51 -15.35 -0.69
N LEU A 241 29.11 -14.23 -0.28
CA LEU A 241 30.29 -13.66 -0.91
C LEU A 241 31.55 -14.05 -0.16
N VAL A 249 18.37 -15.61 -6.02
CA VAL A 249 17.02 -15.63 -6.58
C VAL A 249 16.08 -14.52 -6.00
N ASP A 250 16.50 -13.85 -4.92
CA ASP A 250 15.65 -12.94 -4.12
C ASP A 250 16.12 -11.48 -4.23
N PHE A 251 15.40 -10.59 -3.52
CA PHE A 251 15.57 -9.13 -3.68
C PHE A 251 16.97 -8.67 -3.25
N LEU A 252 17.48 -9.17 -2.12
CA LEU A 252 18.83 -8.78 -1.66
C LEU A 252 19.89 -9.23 -2.65
N GLN A 253 19.79 -10.46 -3.15
CA GLN A 253 20.72 -10.92 -4.18
C GLN A 253 20.62 -10.04 -5.41
N LEU A 254 19.39 -9.83 -5.90
CA LEU A 254 19.15 -8.98 -7.07
C LEU A 254 19.67 -7.56 -6.85
N MET A 255 19.83 -7.13 -5.59
CA MET A 255 20.41 -5.84 -5.24
C MET A 255 21.92 -5.92 -5.06
N ILE A 256 22.43 -7.00 -4.46
CA ILE A 256 23.88 -7.20 -4.42
C ILE A 256 24.42 -7.40 -5.82
N ASP A 257 23.66 -8.06 -6.68
CA ASP A 257 24.10 -8.28 -8.06
C ASP A 257 24.13 -6.98 -8.85
N SER A 258 23.24 -6.04 -8.51
CA SER A 258 23.23 -4.75 -9.16
C SER A 258 24.47 -3.93 -8.78
N GLN A 259 24.88 -3.97 -7.51
CA GLN A 259 26.04 -3.20 -7.06
C GLN A 259 27.36 -3.80 -7.51
N ASN A 260 27.32 -4.76 -8.44
CA ASN A 260 28.52 -5.30 -9.09
C ASN A 260 28.64 -4.77 -10.50
N SER A 266 26.38 4.07 -15.27
CA SER A 266 26.08 5.50 -15.26
C SER A 266 25.61 6.05 -13.88
N HIS A 267 25.16 5.18 -12.97
CA HIS A 267 24.80 5.53 -11.60
C HIS A 267 25.79 4.92 -10.61
N LYS A 268 26.14 5.67 -9.56
CA LYS A 268 26.92 5.11 -8.46
C LYS A 268 26.18 3.92 -7.84
N ALA A 269 26.88 2.80 -7.70
CA ALA A 269 26.25 1.56 -7.26
C ALA A 269 25.72 1.67 -5.82
N LEU A 270 24.77 0.79 -5.50
CA LEU A 270 24.13 0.82 -4.18
C LEU A 270 25.14 0.53 -3.08
N SER A 271 25.26 1.46 -2.14
CA SER A 271 26.09 1.27 -0.97
C SER A 271 25.48 0.19 -0.07
N ASP A 272 26.21 -0.13 1.00
CA ASP A 272 25.80 -1.21 1.90
C ASP A 272 24.67 -0.79 2.83
N LEU A 273 24.74 0.42 3.38
CA LEU A 273 23.63 0.90 4.18
C LEU A 273 22.43 1.23 3.30
N GLU A 274 22.68 1.78 2.11
CA GLU A 274 21.60 2.07 1.17
C GLU A 274 20.78 0.83 0.89
N LEU A 275 21.45 -0.31 0.75
CA LEU A 275 20.79 -1.55 0.42
C LEU A 275 19.91 -2.03 1.57
N VAL A 276 20.41 -1.92 2.82
CA VAL A 276 19.64 -2.30 3.99
C VAL A 276 18.37 -1.48 4.09
N ALA A 277 18.50 -0.17 3.83
CA ALA A 277 17.33 0.71 3.87
C ALA A 277 16.26 0.28 2.85
N GLN A 278 16.66 -0.13 1.64
CA GLN A 278 15.67 -0.67 0.71
C GLN A 278 15.05 -1.94 1.25
N SER A 279 15.87 -2.80 1.86
CA SER A 279 15.36 -4.04 2.44
C SER A 279 14.25 -3.75 3.43
N ILE A 280 14.48 -2.75 4.29
CA ILE A 280 13.45 -2.32 5.23
C ILE A 280 12.19 -1.86 4.49
N ILE A 281 12.34 -1.07 3.42
CA ILE A 281 11.14 -0.61 2.70
C ILE A 281 10.32 -1.79 2.19
N PHE A 282 10.99 -2.77 1.57
CA PHE A 282 10.26 -3.89 0.94
C PHE A 282 9.54 -4.70 2.00
N ILE A 283 10.19 -4.89 3.15
CA ILE A 283 9.62 -5.68 4.22
C ILE A 283 8.31 -5.07 4.70
N PHE A 284 8.28 -3.75 5.03
CA PHE A 284 7.02 -3.17 5.46
C PHE A 284 6.07 -2.98 4.30
N ALA A 285 6.56 -2.48 3.16
CA ALA A 285 5.70 -2.29 1.99
C ALA A 285 4.75 -3.46 1.84
N GLY A 286 5.26 -4.68 1.94
CA GLY A 286 4.46 -5.83 1.56
C GLY A 286 4.12 -6.72 2.73
N TYR A 287 4.16 -6.18 3.93
CA TYR A 287 3.76 -6.95 5.09
C TYR A 287 2.36 -6.56 5.51
N GLU A 288 2.17 -5.33 6.00
CA GLU A 288 0.81 -5.01 6.36
C GLU A 288 -0.06 -4.82 5.13
N THR A 289 0.51 -4.47 3.98
CA THR A 289 -0.31 -4.32 2.77
C THR A 289 -0.88 -5.65 2.33
N THR A 290 -0.01 -6.62 2.05
CA THR A 290 -0.45 -7.92 1.55
C THR A 290 -1.46 -8.54 2.50
N SER A 291 -1.16 -8.52 3.80
CA SER A 291 -2.07 -9.11 4.77
C SER A 291 -3.38 -8.31 4.91
N SER A 292 -3.31 -6.96 4.87
CA SER A 292 -4.54 -6.17 5.02
C SER A 292 -5.47 -6.38 3.84
N VAL A 293 -4.91 -6.30 2.63
CA VAL A 293 -5.73 -6.48 1.43
C VAL A 293 -6.33 -7.88 1.41
N LEU A 294 -5.55 -8.91 1.77
CA LEU A 294 -6.04 -10.27 1.78
C LEU A 294 -7.20 -10.42 2.73
N SER A 295 -7.18 -9.62 3.81
CA SER A 295 -8.24 -9.67 4.80
C SER A 295 -9.48 -8.95 4.31
N PHE A 296 -9.29 -7.88 3.55
CA PHE A 296 -10.42 -7.20 2.96
C PHE A 296 -11.10 -8.06 1.89
N ILE A 297 -10.30 -8.83 1.13
CA ILE A 297 -10.85 -9.68 0.07
C ILE A 297 -11.63 -10.84 0.69
N MET A 298 -11.06 -11.47 1.71
CA MET A 298 -11.75 -12.56 2.39
C MET A 298 -13.02 -12.08 3.12
N TYR A 299 -13.03 -10.85 3.64
CA TYR A 299 -14.27 -10.28 4.15
C TYR A 299 -15.32 -10.17 3.03
N GLU A 300 -14.92 -9.63 1.88
CA GLU A 300 -15.88 -9.47 0.79
C GLU A 300 -16.36 -10.82 0.26
N LEU A 301 -15.48 -11.82 0.24
CA LEU A 301 -15.86 -13.12 -0.30
C LEU A 301 -16.74 -13.90 0.66
N ALA A 302 -16.62 -13.66 1.97
CA ALA A 302 -17.51 -14.27 2.94
C ALA A 302 -18.87 -13.58 2.97
N THR A 303 -18.88 -12.24 2.94
CA THR A 303 -20.11 -11.47 2.86
C THR A 303 -20.71 -11.44 1.46
N HIS A 304 -20.12 -12.12 0.48
CA HIS A 304 -20.72 -12.31 -0.85
C HIS A 304 -20.44 -13.73 -1.33
N PRO A 305 -21.19 -14.72 -0.82
CA PRO A 305 -20.85 -16.14 -1.10
C PRO A 305 -20.89 -16.54 -2.57
N ASP A 306 -21.60 -15.81 -3.44
CA ASP A 306 -21.70 -16.18 -4.85
C ASP A 306 -20.44 -15.81 -5.63
N VAL A 307 -19.89 -14.63 -5.36
CA VAL A 307 -18.55 -14.26 -5.86
C VAL A 307 -17.54 -15.32 -5.46
N GLN A 308 -17.64 -15.81 -4.22
CA GLN A 308 -16.72 -16.82 -3.73
C GLN A 308 -16.87 -18.14 -4.48
N GLN A 309 -18.12 -18.63 -4.61
CA GLN A 309 -18.33 -19.82 -5.43
C GLN A 309 -17.82 -19.58 -6.86
N LYS A 310 -18.23 -18.46 -7.48
CA LYS A 310 -17.84 -18.20 -8.86
C LYS A 310 -16.32 -18.21 -9.01
N LEU A 311 -15.60 -17.53 -8.10
CA LEU A 311 -14.14 -17.60 -8.08
C LEU A 311 -13.64 -19.03 -7.89
N GLN A 312 -14.24 -19.77 -6.96
CA GLN A 312 -13.77 -21.14 -6.72
C GLN A 312 -13.92 -21.99 -7.97
N GLU A 313 -15.03 -21.82 -8.70
CA GLU A 313 -15.24 -22.50 -9.98
C GLU A 313 -14.18 -22.12 -11.01
N GLU A 314 -13.85 -20.82 -11.13
CA GLU A 314 -12.88 -20.44 -12.15
C GLU A 314 -11.50 -21.04 -11.86
N ILE A 315 -11.13 -21.10 -10.57
CA ILE A 315 -9.85 -21.71 -10.18
C ILE A 315 -9.84 -23.22 -10.48
N ASP A 316 -10.95 -23.91 -10.21
CA ASP A 316 -11.05 -25.34 -10.54
C ASP A 316 -11.11 -25.57 -12.05
N ALA A 317 -11.71 -24.65 -12.82
CA ALA A 317 -11.66 -24.72 -14.27
C ALA A 317 -10.24 -24.60 -14.80
N VAL A 318 -9.46 -23.67 -14.26
CA VAL A 318 -8.11 -23.44 -14.76
C VAL A 318 -7.11 -24.43 -14.16
N LEU A 319 -7.27 -24.74 -12.87
CA LEU A 319 -6.42 -25.71 -12.18
C LEU A 319 -7.29 -26.86 -11.67
N PRO A 320 -7.63 -27.83 -12.50
CA PRO A 320 -8.42 -28.97 -12.02
C PRO A 320 -7.62 -29.87 -11.10
N ASN A 321 -8.33 -30.52 -10.16
CA ASN A 321 -7.73 -31.41 -9.18
C ASN A 321 -6.76 -30.65 -8.26
N LYS A 322 -7.16 -29.44 -7.86
CA LYS A 322 -6.33 -28.58 -7.00
C LYS A 322 -4.89 -28.51 -7.51
N ALA A 323 -4.73 -28.41 -8.84
CA ALA A 323 -3.41 -28.30 -9.42
C ALA A 323 -2.72 -27.02 -8.97
N PRO A 324 -1.40 -27.04 -8.81
CA PRO A 324 -0.69 -25.87 -8.25
C PRO A 324 -0.66 -24.71 -9.23
N PRO A 325 -0.96 -23.49 -8.77
CA PRO A 325 -0.88 -22.32 -9.67
C PRO A 325 0.55 -21.95 -10.04
N THR A 326 0.71 -21.50 -11.28
CA THR A 326 1.98 -21.02 -11.79
C THR A 326 1.84 -19.55 -12.19
N TYR A 327 2.94 -18.98 -12.65
CA TYR A 327 2.91 -17.59 -13.05
C TYR A 327 1.87 -17.35 -14.13
N ASP A 328 1.75 -18.30 -15.06
CA ASP A 328 0.91 -18.08 -16.25
C ASP A 328 -0.56 -18.39 -16.00
N THR A 329 -0.86 -19.41 -15.18
CA THR A 329 -2.25 -19.70 -14.85
C THR A 329 -2.86 -18.62 -13.96
N VAL A 330 -2.02 -17.86 -13.24
CA VAL A 330 -2.50 -16.77 -12.40
C VAL A 330 -3.01 -15.62 -13.26
N LEU A 331 -2.25 -15.24 -14.30
CA LEU A 331 -2.64 -14.17 -15.20
C LEU A 331 -3.82 -14.54 -16.09
N GLN A 332 -4.19 -15.82 -16.13
CA GLN A 332 -5.32 -16.28 -16.92
C GLN A 332 -6.67 -16.10 -16.20
N MET A 333 -6.66 -15.90 -14.88
CA MET A 333 -7.86 -15.87 -14.05
C MET A 333 -8.47 -14.46 -14.02
N GLU A 334 -9.51 -14.25 -14.84
CA GLU A 334 -10.02 -12.90 -15.06
C GLU A 334 -10.94 -12.43 -13.92
N TYR A 335 -11.79 -13.34 -13.42
CA TYR A 335 -12.65 -13.04 -12.26
C TYR A 335 -11.84 -12.83 -10.97
N LEU A 336 -10.78 -13.60 -10.79
CA LEU A 336 -9.85 -13.34 -9.70
C LEU A 336 -9.31 -11.92 -9.77
N ASP A 337 -8.92 -11.50 -10.97
CA ASP A 337 -8.44 -10.14 -11.16
C ASP A 337 -9.55 -9.12 -10.85
N MET A 338 -10.79 -9.40 -11.27
CA MET A 338 -11.89 -8.50 -10.96
C MET A 338 -12.10 -8.35 -9.46
N VAL A 339 -12.05 -9.48 -8.73
CA VAL A 339 -12.27 -9.47 -7.29
C VAL A 339 -11.18 -8.68 -6.61
N VAL A 340 -9.92 -8.88 -7.02
CA VAL A 340 -8.85 -8.12 -6.39
C VAL A 340 -9.00 -6.63 -6.70
N ASN A 341 -9.27 -6.30 -7.97
CA ASN A 341 -9.41 -4.88 -8.33
C ASN A 341 -10.58 -4.20 -7.60
N GLU A 342 -11.70 -4.90 -7.48
CA GLU A 342 -12.85 -4.26 -6.86
C GLU A 342 -12.62 -4.09 -5.37
N THR A 343 -11.94 -5.06 -4.73
CA THR A 343 -11.63 -4.87 -3.33
C THR A 343 -10.78 -3.64 -3.14
N LEU A 344 -9.74 -3.50 -3.97
CA LEU A 344 -8.88 -2.32 -3.87
C LEU A 344 -9.60 -1.03 -4.23
N ARG A 345 -10.67 -1.09 -5.02
CA ARG A 345 -11.50 0.10 -5.18
C ARG A 345 -12.07 0.51 -3.82
N LEU A 346 -12.61 -0.45 -3.08
CA LEU A 346 -13.27 -0.10 -1.83
C LEU A 346 -12.27 0.23 -0.73
N PHE A 347 -11.12 -0.41 -0.74
CA PHE A 347 -10.11 -0.28 0.33
C PHE A 347 -8.74 0.01 -0.28
N PRO A 348 -8.55 1.17 -0.90
CA PRO A 348 -7.23 1.51 -1.44
C PRO A 348 -6.32 1.93 -0.30
N ILE A 349 -5.36 1.09 0.08
CA ILE A 349 -4.76 1.24 1.39
C ILE A 349 -3.90 2.49 1.52
N ALA A 350 -3.51 3.13 0.43
CA ALA A 350 -2.82 4.42 0.54
C ALA A 350 -3.76 5.58 0.88
N MET A 351 -5.08 5.47 0.59
CA MET A 351 -6.07 6.51 0.87
C MET A 351 -5.88 7.74 -0.02
N ARG A 352 -4.71 8.40 0.04
CA ARG A 352 -4.33 9.56 -0.75
C ARG A 352 -3.02 9.36 -1.50
N LEU A 353 -2.85 10.04 -2.63
CA LEU A 353 -1.53 10.25 -3.22
C LEU A 353 -1.12 11.72 -3.05
N GLU A 354 0.19 11.97 -2.92
CA GLU A 354 0.65 13.32 -2.63
C GLU A 354 1.96 13.60 -3.36
N ARG A 355 2.13 14.85 -3.84
CA ARG A 355 3.39 15.32 -4.39
C ARG A 355 3.63 16.75 -3.96
N VAL A 356 4.88 17.05 -3.56
CA VAL A 356 5.27 18.41 -3.21
C VAL A 356 5.58 19.14 -4.50
N CYS A 357 4.86 20.25 -4.72
CA CYS A 357 5.05 21.11 -5.88
C CYS A 357 6.33 21.91 -5.69
N LYS A 358 7.34 21.68 -6.53
CA LYS A 358 8.64 22.25 -6.24
C LYS A 358 8.90 23.63 -6.90
N LYS A 359 8.03 24.10 -7.81
CA LYS A 359 8.19 25.36 -8.51
C LYS A 359 6.84 26.04 -8.67
N ASP A 360 6.83 27.36 -8.81
CA ASP A 360 5.65 28.06 -9.32
C ASP A 360 5.23 27.46 -10.66
N VAL A 361 4.02 26.89 -10.75
CA VAL A 361 3.56 26.27 -11.98
CA VAL A 361 3.55 26.23 -11.97
C VAL A 361 2.07 26.56 -12.18
N GLU A 362 1.60 26.25 -13.38
CA GLU A 362 0.20 26.33 -13.79
C GLU A 362 -0.09 25.02 -14.51
N ILE A 363 -1.04 24.25 -14.00
CA ILE A 363 -1.45 23.00 -14.64
C ILE A 363 -2.93 23.13 -14.99
N ASN A 364 -3.24 22.91 -16.27
CA ASN A 364 -4.62 22.92 -16.76
C ASN A 364 -5.38 24.15 -16.27
N GLY A 365 -4.80 25.32 -16.49
CA GLY A 365 -5.49 26.57 -16.20
C GLY A 365 -5.62 26.94 -14.74
N MET A 366 -4.66 26.52 -13.90
CA MET A 366 -4.75 26.79 -12.47
C MET A 366 -3.36 26.99 -11.90
N PHE A 367 -3.10 28.19 -11.39
CA PHE A 367 -1.83 28.47 -10.72
C PHE A 367 -1.66 27.57 -9.49
N ILE A 368 -0.42 27.14 -9.27
CA ILE A 368 -0.07 26.37 -8.08
C ILE A 368 1.24 26.92 -7.55
N PRO A 369 1.25 27.66 -6.44
CA PRO A 369 2.50 28.23 -5.93
C PRO A 369 3.38 27.17 -5.29
N LYS A 370 4.68 27.49 -5.27
CA LYS A 370 5.70 26.56 -4.80
C LYS A 370 5.47 26.21 -3.35
N GLY A 371 5.83 24.97 -2.99
CA GLY A 371 5.70 24.51 -1.62
C GLY A 371 4.34 23.95 -1.25
N VAL A 372 3.29 24.23 -2.03
CA VAL A 372 1.99 23.61 -1.84
C VAL A 372 2.15 22.08 -1.94
N VAL A 373 1.46 21.34 -1.08
CA VAL A 373 1.36 19.90 -1.23
C VAL A 373 0.10 19.62 -2.05
N VAL A 374 0.26 18.87 -3.13
CA VAL A 374 -0.83 18.49 -4.02
C VAL A 374 -1.25 17.08 -3.64
N MET A 375 -2.54 16.87 -3.53
CA MET A 375 -3.06 15.65 -2.94
CA MET A 375 -3.06 15.65 -2.94
C MET A 375 -4.12 15.08 -3.86
N ILE A 376 -4.09 13.77 -4.07
CA ILE A 376 -5.18 13.13 -4.82
C ILE A 376 -5.96 12.28 -3.83
N PRO A 377 -7.24 12.53 -3.62
CA PRO A 377 -8.04 11.80 -2.61
C PRO A 377 -8.59 10.47 -3.12
N SER A 378 -7.68 9.51 -3.29
CA SER A 378 -8.01 8.24 -3.92
C SER A 378 -9.23 7.59 -3.31
N TYR A 379 -9.26 7.49 -1.97
CA TYR A 379 -10.41 6.85 -1.33
C TYR A 379 -11.69 7.57 -1.71
N ALA A 380 -11.70 8.90 -1.72
CA ALA A 380 -12.93 9.61 -2.08
C ALA A 380 -13.26 9.41 -3.55
N LEU A 381 -12.22 9.37 -4.38
CA LEU A 381 -12.41 9.22 -5.82
C LEU A 381 -12.90 7.82 -6.17
N HIS A 382 -12.53 6.81 -5.38
CA HIS A 382 -12.98 5.44 -5.60
C HIS A 382 -14.45 5.23 -5.22
N ARG A 383 -14.97 6.06 -4.31
CA ARG A 383 -16.32 5.94 -3.78
C ARG A 383 -17.21 7.11 -4.22
N ASP A 384 -16.81 7.81 -5.28
CA ASP A 384 -17.55 8.96 -5.79
C ASP A 384 -18.72 8.47 -6.63
N PRO A 385 -19.97 8.67 -6.20
CA PRO A 385 -21.13 8.29 -7.04
C PRO A 385 -21.11 8.91 -8.43
N LYS A 386 -20.41 10.04 -8.62
CA LYS A 386 -20.28 10.65 -9.94
C LYS A 386 -19.42 9.84 -10.92
N TYR A 387 -18.68 8.82 -10.45
CA TYR A 387 -17.99 7.89 -11.33
C TYR A 387 -18.38 6.44 -11.11
N TRP A 388 -19.11 6.12 -10.05
CA TRP A 388 -19.37 4.74 -9.67
C TRP A 388 -20.83 4.60 -9.31
N THR A 389 -21.54 3.75 -10.06
CA THR A 389 -22.88 3.34 -9.68
C THR A 389 -22.82 2.46 -8.43
N GLU A 390 -23.60 2.81 -7.41
CA GLU A 390 -23.62 2.09 -6.13
C GLU A 390 -22.20 1.89 -5.58
N PRO A 391 -21.48 2.98 -5.29
CA PRO A 391 -20.06 2.83 -4.97
C PRO A 391 -19.81 2.05 -3.70
N GLU A 392 -20.76 2.00 -2.76
CA GLU A 392 -20.54 1.24 -1.54
C GLU A 392 -20.72 -0.27 -1.75
N LYS A 393 -21.36 -0.68 -2.83
CA LYS A 393 -21.59 -2.10 -3.07
C LYS A 393 -20.35 -2.76 -3.65
N PHE A 394 -20.08 -3.96 -3.18
CA PHE A 394 -18.99 -4.77 -3.71
C PHE A 394 -19.51 -5.50 -4.93
N LEU A 395 -19.03 -5.12 -6.11
CA LEU A 395 -19.53 -5.61 -7.39
C LEU A 395 -18.38 -5.85 -8.35
N PRO A 396 -17.81 -7.06 -8.36
CA PRO A 396 -16.62 -7.30 -9.20
C PRO A 396 -16.82 -6.99 -10.68
N GLU A 397 -18.07 -7.02 -11.17
CA GLU A 397 -18.33 -6.90 -12.60
C GLU A 397 -17.86 -5.54 -13.18
N ARG A 398 -17.76 -4.49 -12.34
CA ARG A 398 -17.21 -3.22 -12.80
C ARG A 398 -15.93 -3.44 -13.59
N PHE A 399 -15.18 -4.49 -13.27
CA PHE A 399 -13.91 -4.79 -13.92
C PHE A 399 -14.02 -5.96 -14.89
N SER A 400 -15.23 -6.34 -15.31
CA SER A 400 -15.34 -7.26 -16.43
C SER A 400 -14.67 -6.65 -17.65
N LYS A 401 -13.94 -7.48 -18.40
CA LYS A 401 -13.29 -7.04 -19.63
C LYS A 401 -14.24 -6.24 -20.51
N LYS A 402 -15.55 -6.51 -20.41
CA LYS A 402 -16.56 -5.66 -21.01
C LYS A 402 -16.49 -4.23 -20.49
N ASN A 403 -16.57 -4.06 -19.16
CA ASN A 403 -16.71 -2.73 -18.56
C ASN A 403 -15.41 -2.10 -18.14
N LYS A 404 -14.33 -2.88 -18.00
CA LYS A 404 -13.04 -2.41 -17.49
C LYS A 404 -12.50 -1.22 -18.28
N ASP A 405 -12.98 -0.99 -19.50
CA ASP A 405 -12.46 0.05 -20.36
C ASP A 405 -13.02 1.45 -20.02
N ASN A 406 -14.27 1.52 -19.54
CA ASN A 406 -14.87 2.79 -19.11
C ASN A 406 -14.25 3.37 -17.83
N ILE A 407 -13.44 2.60 -17.10
CA ILE A 407 -12.91 3.06 -15.83
C ILE A 407 -11.73 3.99 -16.09
N ASP A 408 -11.87 5.25 -15.67
CA ASP A 408 -10.79 6.25 -15.81
C ASP A 408 -9.59 5.85 -14.95
N PRO A 409 -8.41 5.69 -15.55
CA PRO A 409 -7.23 5.25 -14.78
C PRO A 409 -6.61 6.34 -13.91
N TYR A 410 -7.07 7.58 -14.03
CA TYR A 410 -6.67 8.63 -13.11
C TYR A 410 -7.75 8.87 -12.05
N ILE A 411 -8.77 8.01 -12.01
CA ILE A 411 -9.76 7.99 -10.94
C ILE A 411 -9.55 6.78 -10.03
N TYR A 412 -9.43 5.58 -10.62
CA TYR A 412 -9.08 4.36 -9.91
C TYR A 412 -7.55 4.22 -9.95
N THR A 413 -6.88 4.46 -8.81
CA THR A 413 -5.42 4.56 -8.76
C THR A 413 -4.85 3.86 -7.53
N PRO A 414 -5.12 2.57 -7.35
CA PRO A 414 -4.70 1.91 -6.09
C PRO A 414 -3.18 1.75 -5.98
N PHE A 415 -2.43 1.92 -7.07
CA PHE A 415 -0.97 1.85 -7.04
C PHE A 415 -0.33 3.15 -7.51
N GLY A 416 -1.07 4.25 -7.46
CA GLY A 416 -0.57 5.51 -7.95
C GLY A 416 -0.55 5.49 -9.46
N SER A 417 0.19 6.44 -10.03
CA SER A 417 0.47 6.48 -11.47
C SER A 417 1.72 7.31 -11.71
N GLY A 418 2.29 7.16 -12.92
CA GLY A 418 3.48 7.88 -13.35
C GLY A 418 4.78 7.31 -12.82
N PRO A 419 5.89 8.03 -13.04
CA PRO A 419 7.21 7.48 -12.65
C PRO A 419 7.32 7.08 -11.19
N ARG A 420 6.50 7.63 -10.29
CA ARG A 420 6.66 7.30 -8.89
C ARG A 420 5.55 6.39 -8.34
N ASN A 421 4.85 5.65 -9.20
CA ASN A 421 3.84 4.72 -8.72
C ASN A 421 4.46 3.59 -7.89
N CYS A 422 3.59 2.74 -7.32
CA CYS A 422 4.04 1.54 -6.60
C CYS A 422 4.97 0.69 -7.45
N ILE A 423 6.22 0.55 -7.01
CA ILE A 423 7.21 -0.26 -7.72
C ILE A 423 6.95 -1.76 -7.51
N GLY A 424 6.25 -2.11 -6.42
CA GLY A 424 6.02 -3.49 -6.13
C GLY A 424 4.66 -3.93 -6.62
N MET A 425 4.06 -3.17 -7.55
CA MET A 425 2.69 -3.45 -7.95
C MET A 425 2.54 -4.90 -8.43
N ARG A 426 3.26 -5.29 -9.49
CA ARG A 426 3.05 -6.63 -10.06
C ARG A 426 3.40 -7.72 -9.05
N PHE A 427 4.46 -7.50 -8.26
CA PHE A 427 4.77 -8.46 -7.19
C PHE A 427 3.62 -8.58 -6.19
N ALA A 428 3.03 -7.45 -5.78
CA ALA A 428 1.96 -7.54 -4.79
C ALA A 428 0.72 -8.24 -5.37
N LEU A 429 0.31 -7.89 -6.59
CA LEU A 429 -0.80 -8.60 -7.22
C LEU A 429 -0.55 -10.11 -7.30
N MET A 430 0.67 -10.48 -7.69
CA MET A 430 1.04 -11.88 -7.84
C MET A 430 1.04 -12.61 -6.50
N ASN A 431 1.64 -11.97 -5.50
CA ASN A 431 1.72 -12.54 -4.17
C ASN A 431 0.32 -12.83 -3.62
N MET A 432 -0.53 -11.80 -3.55
CA MET A 432 -1.92 -11.93 -3.10
C MET A 432 -2.69 -13.02 -3.85
N LYS A 433 -2.55 -13.08 -5.18
CA LYS A 433 -3.35 -13.99 -5.97
C LYS A 433 -2.94 -15.44 -5.74
N LEU A 434 -1.63 -15.70 -5.61
CA LEU A 434 -1.19 -17.04 -5.28
C LEU A 434 -1.77 -17.49 -3.94
N ALA A 435 -1.78 -16.59 -2.96
CA ALA A 435 -2.41 -16.89 -1.69
C ALA A 435 -3.88 -17.26 -1.85
N LEU A 436 -4.61 -16.50 -2.67
CA LEU A 436 -6.05 -16.69 -2.77
C LEU A 436 -6.37 -18.00 -3.48
N ILE A 437 -5.65 -18.28 -4.56
CA ILE A 437 -5.89 -19.51 -5.32
C ILE A 437 -5.72 -20.72 -4.42
N ARG A 438 -4.57 -20.82 -3.75
CA ARG A 438 -4.30 -21.95 -2.87
C ARG A 438 -5.37 -22.09 -1.79
N VAL A 439 -5.79 -20.96 -1.22
CA VAL A 439 -6.72 -20.98 -0.10
C VAL A 439 -8.16 -21.25 -0.58
N LEU A 440 -8.53 -20.74 -1.75
CA LEU A 440 -9.90 -20.95 -2.24
C LEU A 440 -10.08 -22.36 -2.77
N GLN A 441 -8.99 -22.97 -3.24
CA GLN A 441 -9.03 -24.38 -3.67
C GLN A 441 -9.47 -25.31 -2.54
N ASN A 442 -9.16 -24.95 -1.28
CA ASN A 442 -9.25 -25.86 -0.15
C ASN A 442 -10.35 -25.52 0.86
N PHE A 443 -10.72 -24.25 0.99
CA PHE A 443 -11.57 -23.81 2.08
C PHE A 443 -12.65 -22.90 1.54
N SER A 444 -13.81 -22.96 2.16
CA SER A 444 -14.78 -21.90 1.99
C SER A 444 -14.85 -21.10 3.29
N PHE A 445 -15.42 -19.91 3.18
CA PHE A 445 -15.24 -18.90 4.21
C PHE A 445 -16.60 -18.32 4.52
N LYS A 446 -17.03 -18.50 5.77
CA LYS A 446 -18.35 -18.11 6.18
C LYS A 446 -18.24 -17.07 7.30
N PRO A 447 -19.24 -16.22 7.43
CA PRO A 447 -19.24 -15.29 8.56
C PRO A 447 -19.58 -16.01 9.86
N CYS A 448 -18.97 -15.54 10.94
CA CYS A 448 -19.32 -15.95 12.28
C CYS A 448 -20.23 -14.90 12.91
N LYS A 449 -20.82 -15.25 14.04
CA LYS A 449 -21.64 -14.28 14.77
C LYS A 449 -20.78 -13.11 15.25
N GLU A 450 -19.50 -13.34 15.47
CA GLU A 450 -18.57 -12.32 15.93
C GLU A 450 -17.99 -11.48 14.81
N THR A 451 -18.39 -11.74 13.55
CA THR A 451 -17.88 -10.97 12.42
C THR A 451 -18.57 -9.62 12.36
N GLN A 452 -17.78 -8.56 12.14
CA GLN A 452 -18.32 -7.21 12.09
C GLN A 452 -18.90 -6.95 10.69
N ILE A 453 -20.23 -6.84 10.59
CA ILE A 453 -20.93 -6.54 9.36
C ILE A 453 -21.92 -5.42 9.66
N PRO A 454 -21.84 -4.25 8.99
CA PRO A 454 -20.82 -3.93 7.99
C PRO A 454 -19.49 -3.56 8.63
N LEU A 455 -18.41 -4.11 8.07
CA LEU A 455 -17.07 -3.73 8.46
C LEU A 455 -16.94 -2.22 8.45
N LYS A 456 -16.21 -1.69 9.43
CA LYS A 456 -15.95 -0.27 9.54
C LYS A 456 -14.45 -0.03 9.52
N LEU A 457 -14.03 1.04 8.86
CA LEU A 457 -12.62 1.35 8.78
C LEU A 457 -12.15 2.03 10.04
N SER A 458 -10.92 1.73 10.44
CA SER A 458 -10.28 2.48 11.49
C SER A 458 -10.46 3.97 11.25
N LEU A 459 -11.21 4.63 12.15
CA LEU A 459 -11.29 6.09 12.21
C LEU A 459 -9.91 6.73 12.30
N GLY A 460 -8.87 5.97 12.60
CA GLY A 460 -7.52 6.50 12.70
C GLY A 460 -6.88 6.73 11.35
N GLY A 461 -5.58 6.49 11.30
CA GLY A 461 -4.76 6.96 10.19
C GLY A 461 -4.29 5.91 9.21
N LEU A 462 -4.73 4.68 9.36
CA LEU A 462 -4.38 3.61 8.44
C LEU A 462 -5.66 3.06 7.83
N LEU A 463 -5.52 2.37 6.70
CA LEU A 463 -6.66 1.63 6.17
C LEU A 463 -6.57 0.23 6.73
N GLN A 464 -7.30 0.00 7.83
CA GLN A 464 -7.45 -1.29 8.48
C GLN A 464 -8.84 -1.32 9.06
N PRO A 465 -9.42 -2.51 9.25
CA PRO A 465 -10.77 -2.55 9.85
C PRO A 465 -10.70 -2.13 11.30
N GLU A 466 -11.78 -1.49 11.76
CA GLU A 466 -11.92 -1.13 13.17
C GLU A 466 -11.72 -2.31 14.12
N LYS A 467 -12.51 -3.36 13.95
CA LYS A 467 -12.33 -4.64 14.62
C LYS A 467 -11.73 -5.59 13.57
N PRO A 468 -10.76 -6.42 13.97
CA PRO A 468 -10.18 -7.39 13.03
C PRO A 468 -11.22 -8.31 12.41
N VAL A 469 -10.89 -8.84 11.25
CA VAL A 469 -11.81 -9.71 10.51
C VAL A 469 -11.67 -11.15 11.01
N VAL A 470 -12.75 -11.69 11.57
CA VAL A 470 -12.80 -13.07 12.03
C VAL A 470 -13.91 -13.81 11.29
N LEU A 471 -13.60 -15.02 10.82
CA LEU A 471 -14.51 -15.77 9.96
C LEU A 471 -14.45 -17.25 10.29
N LYS A 472 -15.52 -17.96 9.93
CA LYS A 472 -15.54 -19.42 10.01
C LYS A 472 -14.92 -20.00 8.75
N VAL A 473 -14.06 -20.99 8.93
CA VAL A 473 -13.30 -21.61 7.86
C VAL A 473 -13.67 -23.09 7.82
N GLU A 474 -14.05 -23.57 6.64
CA GLU A 474 -14.50 -24.94 6.47
C GLU A 474 -13.77 -25.58 5.29
N SER A 475 -13.53 -26.88 5.37
CA SER A 475 -12.71 -27.59 4.39
CA SER A 475 -12.71 -27.59 4.39
C SER A 475 -13.58 -28.15 3.26
N ARG A 476 -13.11 -27.99 2.03
CA ARG A 476 -13.75 -28.60 0.88
C ARG A 476 -13.39 -30.09 0.83
CHA HEM B . 4.44 3.24 -3.45
CHB HEM B . 0.14 0.92 -3.28
CHC HEM B . 2.59 -3.06 -2.00
CHD HEM B . 6.90 -0.92 -2.82
C1A HEM B . 3.07 2.99 -3.48
C2A HEM B . 2.02 3.96 -3.73
C3A HEM B . 0.84 3.32 -3.69
C4A HEM B . 1.09 1.93 -3.39
CMA HEM B . -0.55 3.95 -3.89
CAA HEM B . 2.22 5.46 -4.02
CBA HEM B . 2.32 5.54 -5.54
CGA HEM B . 2.23 6.98 -5.97
O1A HEM B . 1.82 7.24 -7.14
O2A HEM B . 2.56 7.85 -5.13
C1B HEM B . 0.40 -0.39 -2.91
C2B HEM B . -0.56 -1.46 -2.73
C3B HEM B . 0.11 -2.56 -2.36
C4B HEM B . 1.53 -2.22 -2.34
CMB HEM B . -2.09 -1.26 -2.95
CAB HEM B . -0.43 -3.99 -2.06
CBB HEM B . -1.69 -4.40 -2.30
C1C HEM B . 3.95 -2.83 -2.17
C2C HEM B . 5.00 -3.86 -2.12
C3C HEM B . 6.18 -3.29 -2.37
C4C HEM B . 5.94 -1.88 -2.58
CMC HEM B . 4.87 -5.38 -1.87
CAC HEM B . 7.43 -4.20 -2.34
CBC HEM B . 8.62 -3.90 -2.78
C1D HEM B . 6.60 0.42 -3.00
C2D HEM B . 7.59 1.45 -3.12
C3D HEM B . 6.93 2.63 -3.28
C4D HEM B . 5.49 2.34 -3.28
CMD HEM B . 9.10 1.14 -3.05
CAD HEM B . 7.56 4.01 -3.48
CBD HEM B . 8.02 4.06 -4.93
CGD HEM B . 8.81 5.31 -5.27
O1D HEM B . 9.68 5.25 -6.18
O2D HEM B . 8.55 6.37 -4.66
NA HEM B . 2.46 1.77 -3.26
NB HEM B . 1.66 -0.89 -2.67
NC HEM B . 4.58 -1.63 -2.45
ND HEM B . 5.34 0.99 -3.10
FE HEM B . 3.47 0.05 -2.97
C10 G0D C . 5.70 7.12 4.23
C12 G0D C . 7.05 4.27 4.08
C13 G0D C . 8.20 4.11 5.11
C14 G0D C . 7.91 3.04 6.17
C15 G0D C . 8.76 1.94 6.37
C16 G0D C . 8.50 0.96 7.35
C17 G0D C . 7.35 1.06 8.14
C18 G0D C . 6.49 2.13 7.95
C19 G0D C . 6.77 3.10 6.98
C20 G0D C . 7.07 3.25 2.91
C23 G0D C . 6.01 1.44 1.60
C24 G0D C . 4.67 1.11 1.08
C25 G0D C . 4.47 0.71 -0.21
N26 G0D C . 3.30 0.40 -0.74
C01 G0D C . 2.02 10.50 6.83
C02 G0D C . 1.70 9.31 7.77
C03 G0D C . 2.44 9.43 9.13
C04 G0D C . 0.15 9.33 8.08
C06 G0D C . 3.22 7.85 6.29
C09 G0D C . 4.12 6.80 3.96
C27 G0D C . 2.18 0.49 0.02
C28 G0D C . 2.26 0.89 1.34
C29 G0D C . 3.52 1.19 1.84
C30 G0D C . 3.92 5.41 3.34
C31 G0D C . 3.64 5.43 1.90
C32 G0D C . 2.33 5.56 1.43
C33 G0D C . 2.06 5.60 0.09
C34 G0D C . 3.10 5.51 -0.81
C35 G0D C . 4.40 5.39 -0.37
C36 G0D C . 4.66 5.35 0.97
N08 G0D C . 3.22 6.95 5.15
N22 G0D C . 6.03 2.42 2.66
O05 G0D C . 2.04 8.06 7.04
O07 G0D C . 4.25 8.40 6.65
O21 G0D C . 8.05 3.16 2.19
S11 G0D C . 7.01 6.02 3.33
#